data_6H6P
#
_entry.id   6H6P
#
_cell.length_a   47.690
_cell.length_b   94.550
_cell.length_c   115.660
_cell.angle_alpha   90.00
_cell.angle_beta   90.00
_cell.angle_gamma   90.00
#
_symmetry.space_group_name_H-M   'P 21 21 21'
#
loop_
_entity.id
_entity.type
_entity.pdbx_description
1 polymer 'Ubiquinone biosynthesis protein UbiJ'
2 non-polymer 'PENTAETHYLENE GLYCOL'
3 non-polymer 'CALCIUM ION'
4 water water
#
_entity_poly.entity_id   1
_entity_poly.type   'polypeptide(L)'
_entity_poly.pdbx_seq_one_letter_code
;MELHHHHHHEEMPFKPLVTAGIESLLNTFLYRSPALKTARSRLLGKVLRVEVKGFSTSLILVFSERQVDVLGEWAGDADC
TVIAYASVLPKLRDRQQLTALIRSGELEVQGDIQVVQNFVALADLAEFDPA
;
_entity_poly.pdbx_strand_id   A,B,C,D
#
loop_
_chem_comp.id
_chem_comp.type
_chem_comp.name
_chem_comp.formula
1PE non-polymer 'PENTAETHYLENE GLYCOL' 'C10 H22 O6'
CA non-polymer 'CALCIUM ION' 'Ca 2'
#
# COMPACT_ATOMS: atom_id res chain seq x y z
N PRO A 13 -0.51 -17.30 18.52
CA PRO A 13 -0.09 -16.98 17.14
C PRO A 13 -0.93 -17.70 16.08
N PHE A 14 -2.05 -18.35 16.50
CA PHE A 14 -2.99 -19.08 15.64
C PHE A 14 -3.79 -18.14 14.75
N LYS A 15 -4.42 -17.10 15.36
CA LYS A 15 -5.22 -16.06 14.68
C LYS A 15 -4.38 -15.28 13.64
N PRO A 16 -3.20 -14.67 13.98
CA PRO A 16 -2.39 -14.02 12.93
C PRO A 16 -2.12 -14.86 11.67
N LEU A 17 -2.01 -16.20 11.82
CA LEU A 17 -1.76 -17.17 10.74
C LEU A 17 -3.04 -17.45 9.94
N VAL A 18 -4.21 -17.42 10.60
CA VAL A 18 -5.52 -17.63 9.99
C VAL A 18 -5.88 -16.40 9.13
N THR A 19 -5.74 -15.17 9.70
CA THR A 19 -6.04 -13.93 8.98
C THR A 19 -5.14 -13.76 7.74
N ALA A 20 -3.86 -14.17 7.84
CA ALA A 20 -2.86 -14.10 6.77
C ALA A 20 -3.14 -15.13 5.66
N GLY A 21 -3.62 -16.31 6.04
CA GLY A 21 -4.00 -17.40 5.14
C GLY A 21 -5.27 -17.09 4.37
N ILE A 22 -6.27 -16.46 5.04
CA ILE A 22 -7.53 -16.00 4.45
C ILE A 22 -7.25 -14.84 3.49
N GLU A 23 -6.41 -13.86 3.89
CA GLU A 23 -6.01 -12.71 3.07
C GLU A 23 -5.33 -13.20 1.79
N SER A 24 -4.39 -14.14 1.92
CA SER A 24 -3.69 -14.82 0.83
C SER A 24 -4.68 -15.47 -0.16
N LEU A 25 -5.69 -16.22 0.36
CA LEU A 25 -6.71 -16.97 -0.38
C LEU A 25 -7.64 -16.07 -1.17
N LEU A 26 -8.12 -15.00 -0.52
CA LEU A 26 -9.03 -14.03 -1.11
C LEU A 26 -8.36 -13.27 -2.23
N ASN A 27 -7.15 -12.78 -2.01
CA ASN A 27 -6.39 -12.04 -3.02
C ASN A 27 -5.93 -12.88 -4.22
N THR A 28 -5.58 -14.15 -4.00
CA THR A 28 -5.14 -15.07 -5.04
C THR A 28 -6.29 -15.45 -5.97
N PHE A 29 -7.49 -15.66 -5.41
CA PHE A 29 -8.63 -16.09 -6.20
C PHE A 29 -9.53 -14.97 -6.70
N LEU A 30 -9.69 -13.90 -5.90
CA LEU A 30 -10.60 -12.82 -6.24
C LEU A 30 -9.94 -11.58 -6.86
N TYR A 31 -8.66 -11.31 -6.56
CA TYR A 31 -7.97 -10.10 -7.00
C TYR A 31 -6.92 -10.31 -8.08
N ARG A 32 -6.84 -11.51 -8.67
CA ARG A 32 -5.86 -11.76 -9.72
C ARG A 32 -6.42 -11.62 -11.16
N SER A 33 -7.65 -12.10 -11.41
CA SER A 33 -8.30 -12.10 -12.73
C SER A 33 -8.88 -10.74 -13.16
N PRO A 34 -8.65 -10.30 -14.43
CA PRO A 34 -9.24 -9.03 -14.90
C PRO A 34 -10.74 -9.14 -15.20
N ALA A 35 -11.27 -10.38 -15.24
CA ALA A 35 -12.68 -10.71 -15.46
C ALA A 35 -13.51 -10.42 -14.22
N LEU A 36 -12.88 -10.41 -13.06
CA LEU A 36 -13.54 -10.15 -11.78
C LEU A 36 -13.56 -8.64 -11.40
N LYS A 37 -13.00 -7.73 -12.26
CA LYS A 37 -12.92 -6.28 -12.05
C LYS A 37 -14.24 -5.61 -11.68
N THR A 38 -15.33 -5.94 -12.40
CA THR A 38 -16.66 -5.37 -12.17
C THR A 38 -17.26 -5.81 -10.82
N ALA A 39 -17.09 -7.09 -10.47
CA ALA A 39 -17.55 -7.67 -9.22
C ALA A 39 -16.82 -7.05 -8.02
N ARG A 40 -15.49 -6.78 -8.17
CA ARG A 40 -14.57 -6.17 -7.19
C ARG A 40 -14.91 -4.71 -6.91
N SER A 41 -15.30 -3.97 -7.99
CA SER A 41 -15.63 -2.53 -7.98
C SER A 41 -16.90 -2.18 -7.23
N ARG A 42 -17.80 -3.18 -7.02
CA ARG A 42 -19.07 -3.09 -6.31
C ARG A 42 -18.81 -3.14 -4.82
N LEU A 43 -17.58 -3.62 -4.44
CA LEU A 43 -17.11 -3.77 -3.07
C LEU A 43 -16.16 -2.68 -2.62
N LEU A 44 -15.79 -1.75 -3.54
CA LEU A 44 -14.91 -0.60 -3.32
C LEU A 44 -15.33 0.30 -2.16
N GLY A 45 -14.45 0.35 -1.15
CA GLY A 45 -14.64 1.16 0.04
C GLY A 45 -15.52 0.53 1.10
N LYS A 46 -15.85 -0.76 0.90
CA LYS A 46 -16.70 -1.54 1.82
C LYS A 46 -15.89 -2.34 2.81
N VAL A 47 -16.44 -2.47 4.02
CA VAL A 47 -15.91 -3.21 5.13
C VAL A 47 -16.96 -4.31 5.49
N LEU A 48 -16.49 -5.57 5.55
CA LEU A 48 -17.24 -6.80 5.85
C LEU A 48 -16.60 -7.51 7.05
N ARG A 49 -17.19 -7.28 8.22
CA ARG A 49 -16.80 -7.84 9.50
C ARG A 49 -17.51 -9.16 9.64
N VAL A 50 -16.75 -10.26 9.79
CA VAL A 50 -17.25 -11.63 9.97
C VAL A 50 -17.07 -11.98 11.44
N GLU A 51 -18.15 -12.34 12.13
CA GLU A 51 -18.13 -12.72 13.55
C GLU A 51 -18.14 -14.24 13.58
N VAL A 52 -16.98 -14.82 13.91
CA VAL A 52 -16.79 -16.27 13.94
C VAL A 52 -17.35 -16.72 15.27
N LYS A 53 -18.51 -17.42 15.22
CA LYS A 53 -19.30 -17.88 16.39
C LYS A 53 -18.61 -18.90 17.30
N GLY A 54 -17.89 -19.86 16.74
CA GLY A 54 -17.26 -20.90 17.56
C GLY A 54 -16.17 -20.40 18.48
N PHE A 55 -15.27 -19.62 17.89
CA PHE A 55 -14.09 -19.04 18.49
C PHE A 55 -14.33 -17.68 19.13
N SER A 56 -15.54 -17.07 18.97
CA SER A 56 -15.90 -15.75 19.51
C SER A 56 -14.79 -14.69 19.20
N THR A 57 -14.37 -14.68 17.93
CA THR A 57 -13.40 -13.76 17.32
C THR A 57 -14.02 -13.21 16.04
N SER A 58 -13.47 -12.12 15.48
CA SER A 58 -13.92 -11.53 14.22
C SER A 58 -12.79 -11.37 13.19
N LEU A 59 -13.16 -11.37 11.91
CA LEU A 59 -12.28 -11.17 10.77
C LEU A 59 -12.87 -9.99 10.04
N ILE A 60 -12.08 -8.98 9.71
CA ILE A 60 -12.63 -7.82 9.05
C ILE A 60 -12.01 -7.66 7.66
N LEU A 61 -12.86 -7.72 6.63
CA LEU A 61 -12.44 -7.59 5.24
C LEU A 61 -12.68 -6.17 4.76
N VAL A 62 -11.62 -5.50 4.27
CA VAL A 62 -11.66 -4.13 3.76
C VAL A 62 -11.33 -4.24 2.26
N PHE A 63 -12.24 -3.76 1.40
CA PHE A 63 -12.11 -3.89 -0.05
C PHE A 63 -11.66 -2.63 -0.76
N SER A 64 -10.56 -2.78 -1.49
CA SER A 64 -9.91 -1.75 -2.28
C SER A 64 -10.00 -2.16 -3.77
N GLU A 65 -9.34 -1.38 -4.64
CA GLU A 65 -9.31 -1.62 -6.09
C GLU A 65 -8.40 -2.80 -6.44
N ARG A 66 -7.22 -2.85 -5.79
CA ARG A 66 -6.18 -3.84 -6.07
C ARG A 66 -5.99 -4.96 -5.01
N GLN A 67 -6.69 -4.87 -3.87
CA GLN A 67 -6.57 -5.85 -2.80
C GLN A 67 -7.74 -5.85 -1.81
N VAL A 68 -7.80 -6.87 -0.94
CA VAL A 68 -8.72 -7.01 0.19
C VAL A 68 -7.83 -7.25 1.41
N ASP A 69 -7.97 -6.41 2.41
CA ASP A 69 -7.20 -6.56 3.62
C ASP A 69 -8.05 -7.37 4.58
N VAL A 70 -7.47 -8.39 5.18
CA VAL A 70 -8.13 -9.22 6.19
C VAL A 70 -7.41 -8.87 7.49
N LEU A 71 -8.17 -8.36 8.47
CA LEU A 71 -7.67 -7.89 9.76
C LEU A 71 -8.32 -8.63 10.91
N GLY A 72 -7.58 -8.82 12.01
CA GLY A 72 -8.09 -9.46 13.20
C GLY A 72 -8.93 -8.51 14.03
N GLU A 73 -8.53 -7.22 14.07
CA GLU A 73 -9.20 -6.14 14.80
CA GLU A 73 -9.21 -6.14 14.79
C GLU A 73 -9.36 -4.93 13.87
N TRP A 74 -10.48 -4.18 13.99
CA TRP A 74 -10.76 -2.99 13.17
C TRP A 74 -11.53 -2.02 14.06
N ALA A 75 -11.12 -0.74 14.10
CA ALA A 75 -11.71 0.29 14.96
C ALA A 75 -12.85 1.09 14.32
N GLY A 76 -13.06 0.89 13.03
CA GLY A 76 -14.11 1.58 12.29
C GLY A 76 -15.47 0.92 12.33
N ASP A 77 -16.36 1.41 11.46
CA ASP A 77 -17.74 0.95 11.29
C ASP A 77 -17.80 0.00 10.08
N ALA A 78 -18.47 -1.15 10.23
CA ALA A 78 -18.61 -2.06 9.09
C ALA A 78 -19.93 -1.80 8.32
N ASP A 79 -19.89 -1.95 6.99
CA ASP A 79 -21.06 -1.75 6.12
C ASP A 79 -22.02 -2.96 6.20
N CYS A 80 -21.44 -4.16 6.46
CA CYS A 80 -22.14 -5.44 6.61
C CYS A 80 -21.39 -6.26 7.66
N THR A 81 -22.14 -6.97 8.52
CA THR A 81 -21.67 -7.87 9.57
C THR A 81 -22.37 -9.22 9.35
N VAL A 82 -21.58 -10.28 9.19
CA VAL A 82 -22.09 -11.64 9.02
C VAL A 82 -21.68 -12.47 10.22
N ILE A 83 -22.66 -13.09 10.90
CA ILE A 83 -22.42 -13.90 12.10
C ILE A 83 -22.72 -15.38 11.79
N ALA A 84 -21.70 -16.24 11.96
CA ALA A 84 -21.81 -17.68 11.71
C ALA A 84 -20.63 -18.44 12.33
N TYR A 85 -20.73 -19.77 12.44
CA TYR A 85 -19.66 -20.62 12.94
C TYR A 85 -18.63 -20.81 11.84
N ALA A 86 -17.35 -20.97 12.19
CA ALA A 86 -16.26 -21.13 11.22
C ALA A 86 -16.53 -22.09 10.08
N SER A 87 -17.21 -23.23 10.35
CA SER A 87 -17.59 -24.33 9.45
C SER A 87 -18.51 -23.93 8.31
N VAL A 88 -19.37 -22.90 8.53
CA VAL A 88 -20.34 -22.45 7.52
C VAL A 88 -19.75 -21.38 6.59
N LEU A 89 -18.75 -20.61 7.06
CA LEU A 89 -18.06 -19.55 6.30
C LEU A 89 -17.48 -20.02 4.96
N PRO A 90 -16.82 -21.22 4.80
CA PRO A 90 -16.35 -21.61 3.46
C PRO A 90 -17.45 -21.86 2.42
N LYS A 91 -18.71 -21.98 2.88
CA LYS A 91 -19.89 -22.21 2.05
C LYS A 91 -20.39 -20.91 1.35
N LEU A 92 -19.68 -19.77 1.55
CA LEU A 92 -20.04 -18.48 0.95
C LEU A 92 -19.38 -18.27 -0.44
N ARG A 93 -19.45 -19.35 -1.26
CA ARG A 93 -18.88 -19.52 -2.60
C ARG A 93 -19.81 -19.16 -3.76
N ASP A 94 -21.14 -18.96 -3.51
CA ASP A 94 -22.14 -18.53 -4.49
C ASP A 94 -23.41 -17.95 -3.82
N ARG A 95 -24.29 -17.31 -4.62
CA ARG A 95 -25.53 -16.67 -4.14
C ARG A 95 -26.61 -17.68 -3.72
N GLN A 96 -26.62 -18.91 -4.33
CA GLN A 96 -27.56 -19.98 -4.02
C GLN A 96 -27.29 -20.52 -2.59
N GLN A 97 -26.01 -20.68 -2.24
CA GLN A 97 -25.52 -21.15 -0.94
C GLN A 97 -25.81 -20.10 0.17
N LEU A 98 -25.68 -18.80 -0.15
CA LEU A 98 -25.95 -17.65 0.73
C LEU A 98 -27.42 -17.56 1.11
N THR A 99 -28.33 -17.73 0.12
CA THR A 99 -29.79 -17.67 0.30
C THR A 99 -30.27 -18.79 1.23
N ALA A 100 -29.68 -19.99 1.07
CA ALA A 100 -29.95 -21.19 1.85
C ALA A 100 -29.44 -21.05 3.30
N LEU A 101 -28.18 -20.57 3.48
CA LEU A 101 -27.56 -20.32 4.79
C LEU A 101 -28.35 -19.30 5.63
N ILE A 102 -28.90 -18.24 4.98
CA ILE A 102 -29.68 -17.20 5.63
C ILE A 102 -31.02 -17.79 6.09
N ARG A 103 -31.72 -18.50 5.15
CA ARG A 103 -33.00 -19.17 5.32
C ARG A 103 -32.97 -20.19 6.48
N SER A 104 -31.86 -20.99 6.57
CA SER A 104 -31.64 -22.01 7.59
C SER A 104 -31.27 -21.43 8.98
N GLY A 105 -30.90 -20.16 9.03
CA GLY A 105 -30.50 -19.47 10.25
C GLY A 105 -29.03 -19.62 10.58
N GLU A 106 -28.30 -20.50 9.84
CA GLU A 106 -26.86 -20.80 9.96
C GLU A 106 -25.99 -19.55 9.84
N LEU A 107 -26.48 -18.58 9.02
CA LEU A 107 -25.84 -17.30 8.76
C LEU A 107 -26.79 -16.16 9.16
N GLU A 108 -26.22 -15.14 9.85
CA GLU A 108 -26.96 -13.94 10.24
C GLU A 108 -26.30 -12.75 9.54
N VAL A 109 -27.13 -11.94 8.87
CA VAL A 109 -26.69 -10.74 8.17
C VAL A 109 -27.24 -9.50 8.87
N GLN A 110 -26.36 -8.51 9.07
CA GLN A 110 -26.64 -7.19 9.66
C GLN A 110 -26.06 -6.17 8.67
N GLY A 111 -26.55 -4.95 8.72
CA GLY A 111 -26.12 -3.88 7.84
C GLY A 111 -26.69 -4.01 6.44
N ASP A 112 -25.83 -3.71 5.44
CA ASP A 112 -26.14 -3.74 4.02
C ASP A 112 -25.94 -5.14 3.45
N ILE A 113 -27.04 -5.91 3.30
CA ILE A 113 -27.02 -7.27 2.74
C ILE A 113 -26.35 -7.32 1.35
N GLN A 114 -26.32 -6.19 0.63
CA GLN A 114 -25.72 -6.11 -0.69
C GLN A 114 -24.20 -6.25 -0.66
N VAL A 115 -23.54 -6.00 0.50
CA VAL A 115 -22.08 -6.15 0.65
C VAL A 115 -21.72 -7.66 0.60
N VAL A 116 -22.44 -8.49 1.37
CA VAL A 116 -22.22 -9.93 1.41
C VAL A 116 -22.71 -10.62 0.11
N GLN A 117 -23.77 -10.10 -0.55
CA GLN A 117 -24.29 -10.60 -1.83
C GLN A 117 -23.28 -10.38 -2.95
N ASN A 118 -22.54 -9.23 -2.91
CA ASN A 118 -21.50 -8.86 -3.89
C ASN A 118 -20.21 -9.58 -3.58
N PHE A 119 -20.02 -10.02 -2.33
CA PHE A 119 -18.84 -10.79 -1.96
C PHE A 119 -18.98 -12.22 -2.52
N VAL A 120 -20.13 -12.90 -2.27
CA VAL A 120 -20.45 -14.26 -2.74
C VAL A 120 -20.58 -14.33 -4.29
N ALA A 121 -20.95 -13.21 -4.95
CA ALA A 121 -21.00 -13.12 -6.42
C ALA A 121 -19.57 -13.07 -7.00
N LEU A 122 -18.64 -12.37 -6.31
CA LEU A 122 -17.21 -12.24 -6.64
C LEU A 122 -16.52 -13.61 -6.41
N ALA A 123 -16.87 -14.28 -5.29
CA ALA A 123 -16.40 -15.62 -4.89
C ALA A 123 -16.88 -16.71 -5.88
N ASP A 124 -18.08 -16.54 -6.45
CA ASP A 124 -18.69 -17.43 -7.44
C ASP A 124 -17.93 -17.36 -8.79
N LEU A 125 -17.45 -16.15 -9.15
CA LEU A 125 -16.69 -15.87 -10.37
C LEU A 125 -15.24 -16.34 -10.30
N ALA A 126 -14.68 -16.49 -9.07
CA ALA A 126 -13.29 -16.92 -8.82
C ALA A 126 -13.03 -18.36 -9.24
N GLU A 127 -14.00 -19.26 -8.92
CA GLU A 127 -14.04 -20.71 -9.15
C GLU A 127 -15.41 -21.25 -8.71
N PRO B 13 -0.91 -24.12 -7.46
CA PRO B 13 -1.93 -23.38 -6.69
C PRO B 13 -1.52 -23.15 -5.24
N PHE B 14 -0.81 -24.15 -4.67
CA PHE B 14 -0.30 -24.19 -3.31
C PHE B 14 0.71 -23.09 -3.06
N LYS B 15 1.70 -22.96 -3.95
CA LYS B 15 2.79 -21.97 -3.87
C LYS B 15 2.25 -20.52 -3.91
N PRO B 16 1.41 -20.08 -4.91
CA PRO B 16 0.89 -18.70 -4.85
C PRO B 16 0.21 -18.34 -3.52
N LEU B 17 -0.41 -19.32 -2.82
CA LEU B 17 -1.09 -19.17 -1.53
C LEU B 17 -0.09 -19.07 -0.37
N VAL B 18 1.05 -19.79 -0.48
CA VAL B 18 2.13 -19.79 0.51
C VAL B 18 2.87 -18.45 0.48
N THR B 19 3.28 -18.00 -0.73
CA THR B 19 4.00 -16.72 -0.91
C THR B 19 3.15 -15.52 -0.46
N ALA B 20 1.83 -15.57 -0.71
CA ALA B 20 0.88 -14.53 -0.35
C ALA B 20 0.60 -14.47 1.16
N GLY B 21 0.60 -15.64 1.80
CA GLY B 21 0.39 -15.79 3.24
C GLY B 21 1.59 -15.34 4.04
N ILE B 22 2.81 -15.64 3.52
CA ILE B 22 4.11 -15.21 4.08
C ILE B 22 4.25 -13.70 3.95
N GLU B 23 3.92 -13.14 2.76
CA GLU B 23 3.93 -11.69 2.47
C GLU B 23 3.03 -10.95 3.46
N SER B 24 1.79 -11.45 3.64
CA SER B 24 0.80 -10.93 4.58
C SER B 24 1.36 -10.88 6.03
N LEU B 25 1.99 -11.99 6.46
CA LEU B 25 2.56 -12.16 7.79
C LEU B 25 3.75 -11.25 8.08
N LEU B 26 4.69 -11.15 7.12
CA LEU B 26 5.88 -10.31 7.23
C LEU B 26 5.52 -8.83 7.30
N ASN B 27 4.58 -8.38 6.47
CA ASN B 27 4.10 -7.00 6.47
C ASN B 27 3.32 -6.60 7.72
N THR B 28 2.52 -7.52 8.26
CA THR B 28 1.71 -7.27 9.45
C THR B 28 2.59 -7.11 10.68
N PHE B 29 3.67 -7.92 10.79
CA PHE B 29 4.55 -7.92 11.97
C PHE B 29 5.77 -7.03 11.86
N LEU B 30 6.38 -6.94 10.66
CA LEU B 30 7.59 -6.13 10.47
C LEU B 30 7.37 -4.71 9.92
N TYR B 31 6.29 -4.49 9.17
CA TYR B 31 6.04 -3.21 8.49
C TYR B 31 4.91 -2.37 9.09
N ARG B 32 4.41 -2.72 10.28
CA ARG B 32 3.35 -1.91 10.88
C ARG B 32 3.84 -0.89 11.94
N SER B 33 4.82 -1.28 12.78
CA SER B 33 5.37 -0.46 13.87
C SER B 33 6.34 0.65 13.41
N PRO B 34 6.20 1.91 13.93
CA PRO B 34 7.16 2.97 13.56
C PRO B 34 8.52 2.83 14.26
N ALA B 35 8.59 1.95 15.27
CA ALA B 35 9.81 1.63 16.02
C ALA B 35 10.78 0.79 15.18
N LEU B 36 10.24 0.10 14.14
CA LEU B 36 11.03 -0.77 13.27
C LEU B 36 11.55 -0.06 12.03
N LYS B 37 11.33 1.26 11.94
CA LYS B 37 11.73 2.07 10.78
C LYS B 37 13.23 2.00 10.43
N THR B 38 14.11 2.08 11.44
CA THR B 38 15.57 2.05 11.26
C THR B 38 16.06 0.66 10.81
N ALA B 39 15.49 -0.43 11.39
CA ALA B 39 15.81 -1.82 11.03
C ALA B 39 15.38 -2.13 9.59
N ARG B 40 14.21 -1.58 9.16
CA ARG B 40 13.60 -1.71 7.83
C ARG B 40 14.43 -1.02 6.75
N SER B 41 15.01 0.15 7.08
CA SER B 41 15.81 1.03 6.22
C SER B 41 17.19 0.48 5.83
N ARG B 42 17.68 -0.50 6.60
CA ARG B 42 18.94 -1.21 6.38
C ARG B 42 18.75 -2.27 5.27
N LEU B 43 17.47 -2.62 5.00
CA LEU B 43 17.03 -3.60 4.01
C LEU B 43 16.54 -3.01 2.70
N LEU B 44 16.43 -1.68 2.64
CA LEU B 44 16.02 -0.90 1.48
C LEU B 44 16.75 -1.24 0.17
N GLY B 45 15.97 -1.79 -0.76
CA GLY B 45 16.39 -2.18 -2.10
C GLY B 45 17.09 -3.53 -2.15
N LYS B 46 17.02 -4.30 -1.05
CA LYS B 46 17.65 -5.63 -0.96
C LYS B 46 16.70 -6.75 -1.32
N VAL B 47 17.24 -7.79 -1.95
CA VAL B 47 16.54 -8.99 -2.36
C VAL B 47 17.18 -10.17 -1.60
N LEU B 48 16.34 -10.89 -0.85
CA LEU B 48 16.75 -12.06 -0.08
C LEU B 48 16.04 -13.26 -0.69
N ARG B 49 16.80 -14.13 -1.35
CA ARG B 49 16.25 -15.37 -1.91
C ARG B 49 16.39 -16.42 -0.84
N VAL B 50 15.33 -17.17 -0.62
CA VAL B 50 15.23 -18.26 0.35
C VAL B 50 14.94 -19.50 -0.47
N GLU B 51 15.86 -20.48 -0.40
CA GLU B 51 15.76 -21.78 -1.06
C GLU B 51 15.26 -22.80 -0.05
N VAL B 52 13.96 -23.18 -0.18
CA VAL B 52 13.32 -24.13 0.73
C VAL B 52 13.77 -25.49 0.23
N LYS B 53 14.60 -26.19 1.06
CA LYS B 53 15.29 -27.44 0.78
C LYS B 53 14.42 -28.69 0.68
N GLY B 54 13.32 -28.76 1.44
CA GLY B 54 12.43 -29.91 1.36
C GLY B 54 11.59 -30.01 0.09
N PHE B 55 11.00 -28.88 -0.30
CA PHE B 55 10.15 -28.64 -1.47
C PHE B 55 11.11 -28.11 -2.53
N SER B 56 10.93 -28.39 -3.81
CA SER B 56 11.95 -27.84 -4.72
C SER B 56 11.55 -26.41 -5.17
N THR B 57 11.46 -25.48 -4.19
CA THR B 57 11.02 -24.09 -4.38
C THR B 57 11.83 -23.00 -3.64
N SER B 58 11.71 -21.76 -4.15
CA SER B 58 12.34 -20.58 -3.57
C SER B 58 11.33 -19.46 -3.35
N LEU B 59 11.58 -18.63 -2.35
CA LEU B 59 10.78 -17.47 -2.01
C LEU B 59 11.74 -16.32 -2.11
N ILE B 60 11.36 -15.27 -2.85
CA ILE B 60 12.21 -14.11 -3.01
C ILE B 60 11.59 -12.93 -2.29
N LEU B 61 12.27 -12.38 -1.28
CA LEU B 61 11.79 -11.22 -0.52
C LEU B 61 12.49 -9.98 -1.02
N VAL B 62 11.70 -8.96 -1.43
CA VAL B 62 12.22 -7.66 -1.91
C VAL B 62 11.79 -6.61 -0.88
N PHE B 63 12.77 -5.92 -0.28
CA PHE B 63 12.51 -4.97 0.79
C PHE B 63 12.48 -3.52 0.35
N SER B 64 11.34 -2.83 0.62
CA SER B 64 11.05 -1.43 0.32
C SER B 64 10.92 -0.65 1.64
N GLU B 65 10.53 0.63 1.59
CA GLU B 65 10.37 1.49 2.76
C GLU B 65 9.07 1.13 3.52
N ARG B 66 7.98 0.89 2.78
CA ARG B 66 6.65 0.67 3.32
C ARG B 66 6.16 -0.78 3.25
N GLN B 67 6.88 -1.67 2.55
CA GLN B 67 6.48 -3.07 2.39
C GLN B 67 7.63 -4.03 2.04
N VAL B 68 7.37 -5.35 2.18
CA VAL B 68 8.18 -6.47 1.69
C VAL B 68 7.32 -7.19 0.64
N ASP B 69 7.92 -7.48 -0.54
CA ASP B 69 7.25 -8.26 -1.61
C ASP B 69 7.79 -9.67 -1.55
N VAL B 70 6.91 -10.68 -1.55
CA VAL B 70 7.31 -12.08 -1.58
C VAL B 70 6.87 -12.64 -2.94
N LEU B 71 7.86 -13.06 -3.72
CA LEU B 71 7.71 -13.60 -5.06
C LEU B 71 8.11 -15.06 -5.10
N GLY B 72 7.45 -15.82 -5.97
CA GLY B 72 7.71 -17.23 -6.15
C GLY B 72 8.86 -17.45 -7.10
N GLU B 73 8.92 -16.60 -8.13
CA GLU B 73 9.96 -16.62 -9.14
C GLU B 73 10.57 -15.22 -9.34
N TRP B 74 11.81 -15.21 -9.84
CA TRP B 74 12.56 -14.03 -10.19
C TRP B 74 13.80 -14.42 -10.97
N ALA B 75 14.01 -13.78 -12.12
CA ALA B 75 15.12 -14.05 -13.04
C ALA B 75 16.42 -13.32 -12.71
N GLY B 76 16.40 -12.43 -11.73
CA GLY B 76 17.58 -11.67 -11.35
C GLY B 76 18.46 -12.35 -10.32
N ASP B 77 19.55 -11.70 -9.94
CA ASP B 77 20.50 -12.15 -8.93
C ASP B 77 20.20 -11.42 -7.59
N ALA B 78 19.96 -12.21 -6.52
CA ALA B 78 19.63 -11.76 -5.17
C ALA B 78 20.90 -11.30 -4.44
N ASP B 79 20.76 -10.34 -3.51
CA ASP B 79 21.88 -9.83 -2.72
C ASP B 79 22.41 -10.87 -1.71
N CYS B 80 21.54 -11.79 -1.33
CA CYS B 80 21.76 -12.88 -0.38
C CYS B 80 20.82 -13.98 -0.73
N THR B 81 21.30 -15.23 -0.55
CA THR B 81 20.54 -16.47 -0.73
C THR B 81 20.76 -17.29 0.52
N VAL B 82 19.69 -17.79 1.15
CA VAL B 82 19.75 -18.68 2.31
C VAL B 82 19.16 -20.02 1.88
N ILE B 83 19.85 -21.12 2.20
CA ILE B 83 19.40 -22.47 1.84
C ILE B 83 19.22 -23.29 3.13
N ALA B 84 17.97 -23.76 3.36
CA ALA B 84 17.62 -24.57 4.53
C ALA B 84 16.27 -25.27 4.28
N TYR B 85 15.96 -26.28 5.12
CA TYR B 85 14.68 -26.99 5.07
C TYR B 85 13.61 -26.13 5.71
N ALA B 86 12.35 -26.24 5.24
CA ALA B 86 11.21 -25.48 5.74
C ALA B 86 11.12 -25.36 7.27
N SER B 87 11.44 -26.44 8.01
CA SER B 87 11.43 -26.61 9.48
C SER B 87 12.38 -25.68 10.23
N VAL B 88 13.52 -25.33 9.62
CA VAL B 88 14.55 -24.47 10.24
C VAL B 88 14.30 -22.97 9.97
N LEU B 89 13.60 -22.64 8.87
CA LEU B 89 13.27 -21.28 8.45
C LEU B 89 12.44 -20.46 9.52
N PRO B 90 11.51 -21.02 10.36
CA PRO B 90 10.87 -20.19 11.41
C PRO B 90 11.80 -19.84 12.59
N LYS B 91 13.01 -20.46 12.65
CA LYS B 91 14.03 -20.24 13.68
C LYS B 91 14.87 -18.99 13.39
N LEU B 92 14.71 -18.36 12.18
CA LEU B 92 15.39 -17.11 11.73
C LEU B 92 14.69 -15.85 12.34
N ARG B 93 14.52 -15.86 13.68
CA ARG B 93 13.77 -14.85 14.39
C ARG B 93 14.58 -13.96 15.33
N ASP B 94 15.94 -14.08 15.33
CA ASP B 94 16.88 -13.26 16.15
C ASP B 94 18.33 -13.57 15.77
N ARG B 95 19.25 -12.62 16.00
CA ARG B 95 20.68 -12.68 15.66
C ARG B 95 21.44 -13.88 16.24
N GLN B 96 21.10 -14.31 17.49
CA GLN B 96 21.72 -15.48 18.17
C GLN B 96 21.26 -16.79 17.49
N GLN B 97 20.01 -16.81 16.96
CA GLN B 97 19.37 -17.93 16.28
C GLN B 97 20.04 -18.24 14.96
N LEU B 98 20.33 -17.19 14.16
CA LEU B 98 20.99 -17.26 12.86
C LEU B 98 22.46 -17.74 12.97
N THR B 99 23.20 -17.30 14.02
CA THR B 99 24.60 -17.68 14.28
C THR B 99 24.69 -19.19 14.60
N ALA B 100 23.69 -19.72 15.34
CA ALA B 100 23.54 -21.12 15.71
C ALA B 100 23.25 -22.01 14.49
N LEU B 101 22.31 -21.61 13.64
CA LEU B 101 21.91 -22.32 12.42
C LEU B 101 23.04 -22.42 11.39
N ILE B 102 23.90 -21.39 11.31
CA ILE B 102 25.04 -21.35 10.41
C ILE B 102 26.10 -22.30 10.94
N ARG B 103 26.42 -22.19 12.26
CA ARG B 103 27.39 -23.01 13.02
C ARG B 103 27.07 -24.50 12.85
N SER B 104 25.80 -24.89 13.07
CA SER B 104 25.31 -26.26 12.99
C SER B 104 25.25 -26.84 11.57
N GLY B 105 25.32 -25.98 10.56
CA GLY B 105 25.25 -26.36 9.15
C GLY B 105 23.82 -26.40 8.61
N GLU B 106 22.83 -26.24 9.52
CA GLU B 106 21.38 -26.24 9.24
C GLU B 106 20.94 -25.20 8.17
N LEU B 107 21.67 -24.08 8.08
CA LEU B 107 21.46 -22.97 7.15
C LEU B 107 22.75 -22.61 6.41
N GLU B 108 22.64 -22.52 5.07
CA GLU B 108 23.71 -22.11 4.16
C GLU B 108 23.44 -20.68 3.69
N VAL B 109 24.43 -19.80 3.81
CA VAL B 109 24.31 -18.40 3.37
C VAL B 109 25.23 -18.16 2.16
N GLN B 110 24.69 -17.50 1.14
CA GLN B 110 25.35 -17.10 -0.11
C GLN B 110 25.15 -15.58 -0.24
N GLY B 111 26.05 -14.91 -0.95
CA GLY B 111 26.00 -13.46 -1.14
C GLY B 111 26.42 -12.67 0.08
N ASP B 112 25.73 -11.56 0.30
CA ASP B 112 25.92 -10.61 1.39
C ASP B 112 25.19 -11.07 2.67
N ILE B 113 25.94 -11.70 3.60
CA ILE B 113 25.42 -12.16 4.90
C ILE B 113 24.72 -11.02 5.69
N GLN B 114 25.05 -9.76 5.41
CA GLN B 114 24.44 -8.63 6.10
C GLN B 114 22.97 -8.43 5.77
N VAL B 115 22.50 -8.97 4.64
CA VAL B 115 21.09 -8.89 4.25
C VAL B 115 20.24 -9.77 5.19
N VAL B 116 20.66 -11.02 5.43
CA VAL B 116 19.97 -11.98 6.30
C VAL B 116 20.11 -11.58 7.79
N GLN B 117 21.27 -10.97 8.19
CA GLN B 117 21.52 -10.47 9.53
C GLN B 117 20.57 -9.32 9.87
N ASN B 118 20.28 -8.44 8.89
CA ASN B 118 19.38 -7.29 9.03
C ASN B 118 17.93 -7.71 8.93
N PHE B 119 17.65 -8.85 8.30
CA PHE B 119 16.30 -9.39 8.23
C PHE B 119 15.92 -9.98 9.62
N VAL B 120 16.81 -10.83 10.17
CA VAL B 120 16.72 -11.50 11.46
C VAL B 120 16.69 -10.45 12.65
N ALA B 121 17.38 -9.29 12.50
CA ALA B 121 17.36 -8.20 13.48
C ALA B 121 16.00 -7.45 13.48
N LEU B 122 15.37 -7.29 12.28
CA LEU B 122 14.05 -6.69 12.07
C LEU B 122 12.97 -7.63 12.64
N ALA B 123 13.12 -8.96 12.39
CA ALA B 123 12.27 -10.06 12.88
C ALA B 123 12.34 -10.19 14.42
N ASP B 124 13.50 -9.91 15.01
CA ASP B 124 13.77 -9.93 16.45
C ASP B 124 13.03 -8.79 17.17
N LEU B 125 12.94 -7.62 16.51
CA LEU B 125 12.28 -6.42 17.03
C LEU B 125 10.75 -6.51 17.01
N ALA B 126 10.19 -7.45 16.22
CA ALA B 126 8.77 -7.71 16.11
C ALA B 126 8.33 -8.59 17.27
N PRO C 13 -2.73 18.11 -18.36
CA PRO C 13 -3.64 18.53 -17.29
C PRO C 13 -2.92 18.93 -16.00
N PHE C 14 -3.60 19.73 -15.16
CA PHE C 14 -3.09 20.23 -13.90
C PHE C 14 -3.76 19.47 -12.72
N LYS C 15 -4.90 18.76 -12.96
CA LYS C 15 -5.62 17.95 -11.95
C LYS C 15 -4.69 16.87 -11.35
N PRO C 16 -3.96 16.00 -12.14
CA PRO C 16 -3.05 15.04 -11.51
C PRO C 16 -2.04 15.65 -10.52
N LEU C 17 -1.60 16.92 -10.77
CA LEU C 17 -0.66 17.69 -9.94
C LEU C 17 -1.35 18.25 -8.69
N VAL C 18 -2.64 18.62 -8.80
CA VAL C 18 -3.44 19.14 -7.69
C VAL C 18 -3.75 18.01 -6.70
N THR C 19 -4.24 16.84 -7.20
CA THR C 19 -4.57 15.69 -6.35
C THR C 19 -3.32 15.15 -5.62
N ALA C 20 -2.15 15.18 -6.29
CA ALA C 20 -0.88 14.71 -5.73
C ALA C 20 -0.32 15.67 -4.68
N GLY C 21 -0.52 16.97 -4.89
CA GLY C 21 -0.11 18.02 -3.96
C GLY C 21 -0.99 18.07 -2.72
N ILE C 22 -2.29 17.82 -2.86
CA ILE C 22 -3.26 17.77 -1.75
C ILE C 22 -2.96 16.51 -0.93
N GLU C 23 -2.71 15.35 -1.60
CA GLU C 23 -2.37 14.08 -0.96
C GLU C 23 -1.12 14.24 -0.12
N SER C 24 -0.07 14.84 -0.70
CA SER C 24 1.19 15.19 -0.05
C SER C 24 0.97 16.06 1.21
N LEU C 25 0.16 17.13 1.11
CA LEU C 25 -0.18 18.08 2.18
C LEU C 25 -0.92 17.47 3.35
N LEU C 26 -1.95 16.66 3.04
CA LEU C 26 -2.79 16.00 4.04
C LEU C 26 -2.00 14.99 4.81
N ASN C 27 -1.20 14.15 4.13
CA ASN C 27 -0.36 13.15 4.76
C ASN C 27 0.79 13.73 5.58
N THR C 28 1.39 14.83 5.14
CA THR C 28 2.49 15.48 5.84
C THR C 28 2.03 16.12 7.16
N PHE C 29 0.85 16.74 7.15
CA PHE C 29 0.33 17.44 8.33
C PHE C 29 -0.60 16.63 9.21
N LEU C 30 -1.40 15.71 8.63
CA LEU C 30 -2.34 14.93 9.41
C LEU C 30 -1.87 13.50 9.74
N TYR C 31 -0.99 12.89 8.93
CA TYR C 31 -0.58 11.48 9.10
C TYR C 31 0.84 11.25 9.58
N ARG C 32 1.54 12.32 10.00
CA ARG C 32 2.90 12.14 10.48
C ARG C 32 3.01 12.05 12.00
N SER C 33 2.25 12.89 12.74
CA SER C 33 2.27 12.94 14.22
C SER C 33 1.56 11.76 14.93
N PRO C 34 2.19 11.12 15.96
CA PRO C 34 1.49 10.04 16.71
C PRO C 34 0.39 10.57 17.65
N ALA C 35 0.37 11.90 17.87
CA ALA C 35 -0.64 12.61 18.68
C ALA C 35 -1.97 12.69 17.94
N LEU C 36 -1.93 12.59 16.59
CA LEU C 36 -3.10 12.65 15.71
C LEU C 36 -3.70 11.25 15.39
N LYS C 37 -3.25 10.19 16.10
CA LYS C 37 -3.72 8.81 15.92
C LYS C 37 -5.23 8.64 16.21
N THR C 38 -5.73 9.21 17.32
CA THR C 38 -7.14 9.10 17.71
C THR C 38 -8.08 9.86 16.75
N ALA C 39 -7.67 11.06 16.29
CA ALA C 39 -8.44 11.87 15.35
C ALA C 39 -8.55 11.18 13.97
N ARG C 40 -7.44 10.51 13.54
CA ARG C 40 -7.29 9.75 12.30
C ARG C 40 -8.15 8.48 12.28
N SER C 41 -8.25 7.80 13.44
CA SER C 41 -8.99 6.54 13.67
C SER C 41 -10.52 6.69 13.61
N ARG C 42 -11.02 7.93 13.72
CA ARG C 42 -12.45 8.28 13.65
C ARG C 42 -12.85 8.33 12.19
N LEU C 43 -11.85 8.42 11.32
CA LEU C 43 -11.97 8.50 9.87
C LEU C 43 -11.67 7.18 9.13
N LEU C 44 -11.33 6.11 9.89
CA LEU C 44 -11.01 4.77 9.39
C LEU C 44 -12.14 4.12 8.58
N GLY C 45 -11.82 3.88 7.31
CA GLY C 45 -12.73 3.24 6.36
C GLY C 45 -13.68 4.20 5.69
N LYS C 46 -13.51 5.52 5.93
CA LYS C 46 -14.35 6.59 5.38
C LYS C 46 -13.84 7.15 4.07
N VAL C 47 -14.77 7.51 3.21
CA VAL C 47 -14.54 8.14 1.91
C VAL C 47 -15.28 9.49 1.95
N LEU C 48 -14.52 10.57 1.73
CA LEU C 48 -15.03 11.94 1.69
C LEU C 48 -14.87 12.45 0.27
N ARG C 49 -15.99 12.58 -0.45
CA ARG C 49 -15.99 13.10 -1.81
C ARG C 49 -16.21 14.58 -1.68
N VAL C 50 -15.40 15.35 -2.40
CA VAL C 50 -15.42 16.80 -2.43
C VAL C 50 -15.68 17.14 -3.88
N GLU C 51 -16.81 17.84 -4.12
CA GLU C 51 -17.24 18.32 -5.43
C GLU C 51 -16.80 19.79 -5.58
N VAL C 52 -15.75 20.03 -6.38
CA VAL C 52 -15.19 21.36 -6.56
C VAL C 52 -16.11 22.09 -7.53
N LYS C 53 -16.81 23.13 -7.03
CA LYS C 53 -17.82 23.90 -7.76
C LYS C 53 -17.29 24.73 -8.93
N GLY C 54 -16.13 25.38 -8.77
CA GLY C 54 -15.56 26.22 -9.83
C GLY C 54 -15.22 25.46 -11.12
N PHE C 55 -14.52 24.33 -10.95
CA PHE C 55 -14.05 23.38 -11.95
C PHE C 55 -15.12 22.29 -12.05
N SER C 56 -15.17 21.47 -13.10
CA SER C 56 -16.21 20.43 -13.19
C SER C 56 -15.93 19.15 -12.35
N THR C 57 -14.74 19.06 -11.73
CA THR C 57 -14.20 17.88 -11.03
C THR C 57 -14.46 17.74 -9.53
N SER C 58 -14.17 16.50 -9.04
CA SER C 58 -14.24 16.03 -7.66
C SER C 58 -12.90 15.49 -7.19
N LEU C 59 -12.68 15.51 -5.87
CA LEU C 59 -11.51 14.98 -5.18
C LEU C 59 -12.07 14.00 -4.17
N ILE C 60 -11.55 12.80 -4.17
CA ILE C 60 -12.05 11.76 -3.26
C ILE C 60 -10.96 11.41 -2.26
N LEU C 61 -11.25 11.62 -0.95
CA LEU C 61 -10.29 11.28 0.12
C LEU C 61 -10.73 9.98 0.73
N VAL C 62 -9.83 8.96 0.73
CA VAL C 62 -10.06 7.65 1.33
C VAL C 62 -9.15 7.56 2.55
N PHE C 63 -9.73 7.35 3.74
CA PHE C 63 -8.99 7.31 5.00
C PHE C 63 -8.68 5.89 5.51
N SER C 64 -7.38 5.68 5.75
CA SER C 64 -6.80 4.45 6.28
C SER C 64 -6.12 4.76 7.65
N GLU C 65 -5.43 3.77 8.22
CA GLU C 65 -4.74 3.89 9.49
C GLU C 65 -3.45 4.70 9.34
N ARG C 66 -2.69 4.43 8.26
CA ARG C 66 -1.37 5.03 8.01
C ARG C 66 -1.31 6.10 6.89
N GLN C 67 -2.42 6.30 6.14
CA GLN C 67 -2.47 7.26 5.05
C GLN C 67 -3.88 7.69 4.65
N VAL C 68 -3.96 8.75 3.84
CA VAL C 68 -5.15 9.28 3.17
C VAL C 68 -4.82 9.26 1.68
N ASP C 69 -5.66 8.62 0.89
CA ASP C 69 -5.48 8.61 -0.55
C ASP C 69 -6.36 9.71 -1.12
N VAL C 70 -5.80 10.56 -2.01
CA VAL C 70 -6.54 11.66 -2.64
C VAL C 70 -6.59 11.34 -4.13
N LEU C 71 -7.80 10.96 -4.62
CA LEU C 71 -8.08 10.48 -5.98
C LEU C 71 -8.91 11.45 -6.79
N GLY C 72 -8.69 11.48 -8.09
CA GLY C 72 -9.45 12.32 -9.00
C GLY C 72 -10.77 11.69 -9.37
N GLU C 73 -10.77 10.35 -9.53
CA GLU C 73 -11.93 9.52 -9.88
C GLU C 73 -12.10 8.36 -8.88
N TRP C 74 -13.35 7.99 -8.55
CA TRP C 74 -13.67 6.89 -7.60
C TRP C 74 -15.02 6.25 -7.93
N ALA C 75 -15.01 4.96 -8.32
CA ALA C 75 -16.19 4.20 -8.72
C ALA C 75 -17.01 3.69 -7.52
N GLY C 76 -16.59 4.02 -6.32
CA GLY C 76 -17.29 3.60 -5.12
C GLY C 76 -18.27 4.64 -4.60
N ASP C 77 -18.89 4.32 -3.45
CA ASP C 77 -19.85 5.18 -2.76
C ASP C 77 -19.15 5.96 -1.64
N ALA C 78 -19.39 7.28 -1.58
CA ALA C 78 -18.79 8.10 -0.52
C ALA C 78 -19.71 8.20 0.70
N ASP C 79 -19.11 8.21 1.91
CA ASP C 79 -19.85 8.30 3.17
C ASP C 79 -20.37 9.73 3.41
N CYS C 80 -19.71 10.73 2.83
CA CYS C 80 -20.01 12.16 2.96
C CYS C 80 -19.51 12.83 1.70
N THR C 81 -20.37 13.64 1.07
CA THR C 81 -20.06 14.45 -0.11
C THR C 81 -20.19 15.91 0.32
N VAL C 82 -19.13 16.72 0.09
CA VAL C 82 -19.11 18.16 0.40
C VAL C 82 -18.99 18.94 -0.92
N ILE C 83 -19.94 19.85 -1.19
CA ILE C 83 -19.97 20.64 -2.43
C ILE C 83 -19.66 22.10 -2.10
N ALA C 84 -18.55 22.63 -2.67
CA ALA C 84 -18.09 24.01 -2.48
C ALA C 84 -17.08 24.41 -3.56
N TYR C 85 -16.82 25.73 -3.69
CA TYR C 85 -15.84 26.27 -4.63
C TYR C 85 -14.44 26.03 -4.09
N ALA C 86 -13.44 25.88 -4.97
CA ALA C 86 -12.04 25.65 -4.57
C ALA C 86 -11.52 26.57 -3.42
N SER C 87 -11.89 27.87 -3.46
CA SER C 87 -11.55 28.96 -2.55
C SER C 87 -12.03 28.78 -1.12
N VAL C 88 -13.16 28.04 -0.92
CA VAL C 88 -13.74 27.83 0.41
C VAL C 88 -13.15 26.59 1.10
N LEU C 89 -12.65 25.62 0.33
CA LEU C 89 -12.04 24.37 0.84
C LEU C 89 -10.86 24.60 1.80
N PRO C 90 -9.92 25.57 1.60
CA PRO C 90 -8.85 25.76 2.63
C PRO C 90 -9.36 26.28 3.98
N LYS C 91 -10.63 26.75 4.05
CA LYS C 91 -11.29 27.26 5.27
C LYS C 91 -11.80 26.14 6.18
N LEU C 92 -11.80 24.87 5.66
CA LEU C 92 -12.23 23.65 6.36
C LEU C 92 -11.13 23.14 7.34
N ARG C 93 -10.64 24.06 8.20
CA ARG C 93 -9.57 23.78 9.15
C ARG C 93 -10.02 23.80 10.62
N ASP C 94 -11.35 23.79 10.87
CA ASP C 94 -11.98 23.62 12.19
C ASP C 94 -13.51 23.63 12.16
N ARG C 95 -14.12 23.01 13.19
CA ARG C 95 -15.56 22.82 13.42
C ARG C 95 -16.39 24.12 13.43
N GLN C 96 -15.80 25.22 13.93
CA GLN C 96 -16.42 26.55 14.01
C GLN C 96 -16.66 27.13 12.60
N GLN C 97 -15.63 26.99 11.73
CA GLN C 97 -15.63 27.45 10.34
C GLN C 97 -16.54 26.61 9.47
N LEU C 98 -16.61 25.29 9.74
CA LEU C 98 -17.48 24.35 9.05
C LEU C 98 -18.99 24.67 9.30
N THR C 99 -19.38 25.01 10.56
CA THR C 99 -20.75 25.38 10.94
C THR C 99 -21.21 26.69 10.24
N ALA C 100 -20.27 27.66 10.13
CA ALA C 100 -20.48 28.95 9.49
C ALA C 100 -20.63 28.81 7.99
N LEU C 101 -19.76 28.03 7.31
CA LEU C 101 -19.81 27.79 5.87
C LEU C 101 -21.12 27.10 5.45
N ILE C 102 -21.64 26.17 6.29
CA ILE C 102 -22.90 25.45 6.02
C ILE C 102 -24.06 26.45 6.11
N ARG C 103 -24.08 27.25 7.19
CA ARG C 103 -25.07 28.29 7.48
C ARG C 103 -25.15 29.31 6.33
N SER C 104 -23.99 29.81 5.87
CA SER C 104 -23.86 30.79 4.80
C SER C 104 -24.23 30.26 3.40
N GLY C 105 -24.31 28.95 3.26
CA GLY C 105 -24.62 28.29 2.00
C GLY C 105 -23.41 27.98 1.15
N GLU C 106 -22.23 28.52 1.55
CA GLU C 106 -20.91 28.35 0.90
C GLU C 106 -20.49 26.89 0.69
N LEU C 107 -20.90 26.00 1.62
CA LEU C 107 -20.62 24.55 1.63
C LEU C 107 -21.90 23.75 1.82
N GLU C 108 -22.11 22.75 0.95
CA GLU C 108 -23.24 21.83 1.00
C GLU C 108 -22.73 20.45 1.46
N VAL C 109 -23.39 19.86 2.45
CA VAL C 109 -23.03 18.55 3.00
C VAL C 109 -24.14 17.53 2.65
N GLN C 110 -23.71 16.36 2.19
CA GLN C 110 -24.55 15.21 1.84
C GLN C 110 -23.94 14.03 2.59
N GLY C 111 -24.74 13.02 2.85
CA GLY C 111 -24.30 11.84 3.59
C GLY C 111 -24.16 12.07 5.08
N ASP C 112 -23.13 11.45 5.67
CA ASP C 112 -22.78 11.47 7.09
C ASP C 112 -21.95 12.71 7.42
N ILE C 113 -22.60 13.76 7.95
CA ILE C 113 -21.93 15.01 8.34
C ILE C 113 -20.78 14.76 9.35
N GLN C 114 -20.80 13.62 10.07
CA GLN C 114 -19.76 13.29 11.04
C GLN C 114 -18.40 13.00 10.39
N VAL C 115 -18.38 12.66 9.09
CA VAL C 115 -17.15 12.38 8.35
C VAL C 115 -16.37 13.71 8.16
N VAL C 116 -17.06 14.78 7.70
CA VAL C 116 -16.48 16.10 7.48
C VAL C 116 -16.17 16.81 8.85
N GLN C 117 -16.97 16.56 9.91
CA GLN C 117 -16.77 17.10 11.25
C GLN C 117 -15.48 16.54 11.88
N ASN C 118 -15.20 15.24 11.64
CA ASN C 118 -14.00 14.53 12.10
C ASN C 118 -12.78 14.85 11.26
N PHE C 119 -13.02 15.30 10.01
CA PHE C 119 -11.94 15.70 9.12
C PHE C 119 -11.40 17.05 9.60
N VAL C 120 -12.33 18.01 9.81
CA VAL C 120 -12.09 19.36 10.28
C VAL C 120 -11.46 19.36 11.74
N ALA C 121 -11.80 18.38 12.59
CA ALA C 121 -11.22 18.22 13.94
C ALA C 121 -9.74 17.74 13.87
N LEU C 122 -9.42 16.84 12.89
CA LEU C 122 -8.09 16.33 12.59
C LEU C 122 -7.21 17.48 11.99
N ALA C 123 -7.81 18.27 11.06
CA ALA C 123 -7.21 19.43 10.40
C ALA C 123 -6.95 20.59 11.39
N ASP C 124 -7.80 20.73 12.44
CA ASP C 124 -7.71 21.75 13.48
C ASP C 124 -6.43 21.57 14.29
N LEU C 125 -5.94 20.33 14.40
CA LEU C 125 -4.73 19.97 15.15
C LEU C 125 -3.56 19.51 14.24
N ALA C 126 -3.52 20.00 12.98
CA ALA C 126 -2.49 19.66 12.00
C ALA C 126 -1.12 20.12 12.49
N GLU C 127 -0.13 19.21 12.42
CA GLU C 127 1.25 19.47 12.85
C GLU C 127 2.28 18.60 12.13
N PHE C 128 3.49 19.14 11.95
CA PHE C 128 4.63 18.44 11.36
C PHE C 128 5.91 18.74 12.19
N ASP C 129 6.66 17.68 12.55
CA ASP C 129 7.93 17.76 13.30
C ASP C 129 8.91 16.67 12.85
N MET D 12 7.94 26.85 5.63
CA MET D 12 7.19 25.59 5.48
C MET D 12 8.12 24.42 5.09
N PRO D 13 7.76 23.13 5.39
CA PRO D 13 8.67 22.02 5.02
C PRO D 13 8.44 21.60 3.57
N PHE D 14 9.05 22.34 2.65
CA PHE D 14 8.89 22.11 1.23
C PHE D 14 9.44 20.76 0.82
N LYS D 15 10.61 20.33 1.37
CA LYS D 15 11.18 19.02 1.01
C LYS D 15 10.24 17.85 1.38
N PRO D 16 9.79 17.66 2.65
CA PRO D 16 8.82 16.59 2.93
C PRO D 16 7.57 16.57 2.04
N LEU D 17 7.10 17.76 1.61
CA LEU D 17 5.94 17.96 0.73
C LEU D 17 6.26 17.65 -0.73
N VAL D 18 7.51 17.91 -1.15
CA VAL D 18 8.00 17.65 -2.51
C VAL D 18 8.17 16.14 -2.72
N THR D 19 8.84 15.45 -1.78
CA THR D 19 9.06 14.00 -1.85
C THR D 19 7.74 13.22 -1.83
N ALA D 20 6.76 13.68 -1.03
CA ALA D 20 5.44 13.07 -0.90
C ALA D 20 4.56 13.28 -2.17
N GLY D 21 4.67 14.46 -2.80
CA GLY D 21 3.99 14.83 -4.03
C GLY D 21 4.53 14.08 -5.25
N ILE D 22 5.89 13.89 -5.29
CA ILE D 22 6.58 13.16 -6.34
C ILE D 22 6.24 11.66 -6.22
N GLU D 23 6.23 11.12 -4.96
CA GLU D 23 5.88 9.73 -4.68
C GLU D 23 4.46 9.44 -5.16
N SER D 24 3.51 10.33 -4.83
CA SER D 24 2.13 10.29 -5.26
C SER D 24 1.97 10.22 -6.78
N LEU D 25 2.65 11.11 -7.54
CA LEU D 25 2.56 11.13 -8.99
C LEU D 25 3.20 9.91 -9.64
N LEU D 26 4.42 9.53 -9.21
CA LEU D 26 5.11 8.38 -9.77
C LEU D 26 4.26 7.14 -9.65
N ASN D 27 3.64 6.92 -8.48
CA ASN D 27 2.75 5.79 -8.25
C ASN D 27 1.44 5.85 -9.04
N THR D 28 0.87 7.04 -9.21
CA THR D 28 -0.36 7.25 -9.97
C THR D 28 -0.16 6.98 -11.47
N PHE D 29 0.98 7.40 -12.02
CA PHE D 29 1.25 7.25 -13.45
C PHE D 29 2.03 6.02 -13.84
N LEU D 30 2.95 5.55 -13.00
CA LEU D 30 3.77 4.40 -13.33
C LEU D 30 3.30 3.07 -12.70
N TYR D 31 2.59 3.11 -11.55
CA TYR D 31 2.19 1.90 -10.81
C TYR D 31 0.70 1.58 -10.85
N ARG D 32 -0.08 2.25 -11.70
CA ARG D 32 -1.50 1.94 -11.80
C ARG D 32 -1.88 1.04 -12.98
N SER D 33 -1.27 1.25 -14.16
CA SER D 33 -1.55 0.51 -15.40
C SER D 33 -0.98 -0.92 -15.43
N PRO D 34 -1.77 -1.94 -15.87
CA PRO D 34 -1.22 -3.32 -15.96
C PRO D 34 -0.29 -3.50 -17.16
N ALA D 35 -0.30 -2.53 -18.09
CA ALA D 35 0.55 -2.50 -19.30
C ALA D 35 2.00 -2.20 -18.94
N LEU D 36 2.21 -1.54 -17.76
CA LEU D 36 3.52 -1.15 -17.28
C LEU D 36 4.16 -2.19 -16.36
N LYS D 37 3.53 -3.36 -16.17
CA LYS D 37 4.03 -4.45 -15.31
C LYS D 37 5.45 -4.92 -15.65
N THR D 38 5.74 -5.16 -16.94
CA THR D 38 7.05 -5.63 -17.39
C THR D 38 8.14 -4.56 -17.22
N ALA D 39 7.82 -3.29 -17.53
CA ALA D 39 8.72 -2.16 -17.42
C ALA D 39 9.08 -1.89 -15.95
N ARG D 40 8.09 -2.05 -15.02
CA ARG D 40 8.20 -1.89 -13.56
C ARG D 40 9.08 -2.98 -12.93
N SER D 41 8.97 -4.24 -13.43
CA SER D 41 9.66 -5.44 -12.96
C SER D 41 11.18 -5.43 -13.20
N ARG D 42 11.62 -4.58 -14.15
CA ARG D 42 13.03 -4.37 -14.51
C ARG D 42 13.70 -3.48 -13.46
N LEU D 43 12.87 -2.80 -12.63
CA LEU D 43 13.24 -1.86 -11.58
C LEU D 43 13.12 -2.40 -10.14
N LEU D 44 12.50 -3.58 -9.96
CA LEU D 44 12.30 -4.28 -8.70
C LEU D 44 13.63 -4.52 -8.00
N GLY D 45 13.78 -3.93 -6.82
CA GLY D 45 14.95 -4.04 -5.97
C GLY D 45 15.99 -2.95 -6.21
N LYS D 46 15.70 -2.00 -7.13
CA LYS D 46 16.64 -0.93 -7.48
C LYS D 46 16.37 0.35 -6.72
N VAL D 47 17.44 1.09 -6.45
CA VAL D 47 17.46 2.38 -5.78
C VAL D 47 18.11 3.37 -6.74
N LEU D 48 17.37 4.45 -7.06
CA LEU D 48 17.82 5.54 -7.93
C LEU D 48 17.92 6.81 -7.11
N ARG D 49 19.14 7.29 -6.90
CA ARG D 49 19.35 8.54 -6.18
C ARG D 49 19.41 9.61 -7.23
N VAL D 50 18.70 10.71 -6.99
CA VAL D 50 18.63 11.89 -7.85
C VAL D 50 19.14 13.06 -7.04
N GLU D 51 20.17 13.76 -7.53
CA GLU D 51 20.77 14.95 -6.91
C GLU D 51 20.26 16.16 -7.70
N VAL D 52 19.37 16.95 -7.07
CA VAL D 52 18.74 18.12 -7.70
C VAL D 52 19.72 19.27 -7.53
N LYS D 53 20.46 19.56 -8.63
CA LYS D 53 21.54 20.54 -8.71
C LYS D 53 21.20 21.95 -8.23
N GLY D 54 20.01 22.43 -8.54
CA GLY D 54 19.63 23.78 -8.13
C GLY D 54 19.51 23.96 -6.64
N PHE D 55 18.81 23.02 -6.01
CA PHE D 55 18.48 22.97 -4.59
C PHE D 55 19.54 22.26 -3.74
N SER D 56 20.53 21.61 -4.36
CA SER D 56 21.61 20.86 -3.68
C SER D 56 21.08 19.89 -2.60
N THR D 57 19.94 19.22 -2.89
CA THR D 57 19.26 18.21 -2.10
C THR D 57 19.00 17.01 -3.02
N SER D 58 18.81 15.83 -2.43
CA SER D 58 18.58 14.59 -3.18
C SER D 58 17.21 13.99 -2.96
N LEU D 59 16.77 13.12 -3.88
CA LEU D 59 15.53 12.35 -3.82
C LEU D 59 15.98 10.93 -4.07
N ILE D 60 15.60 9.99 -3.22
CA ILE D 60 15.98 8.59 -3.40
C ILE D 60 14.73 7.78 -3.74
N LEU D 61 14.69 7.15 -4.93
CA LEU D 61 13.56 6.33 -5.36
C LEU D 61 13.89 4.88 -5.17
N VAL D 62 13.05 4.14 -4.42
CA VAL D 62 13.21 2.70 -4.18
C VAL D 62 12.07 1.98 -4.92
N PHE D 63 12.39 1.11 -5.89
CA PHE D 63 11.39 0.42 -6.70
C PHE D 63 11.07 -1.03 -6.24
N SER D 64 9.78 -1.26 -5.96
CA SER D 64 9.20 -2.53 -5.53
C SER D 64 8.30 -3.06 -6.68
N GLU D 65 7.56 -4.13 -6.42
CA GLU D 65 6.67 -4.78 -7.36
C GLU D 65 5.38 -3.96 -7.56
N ARG D 66 4.82 -3.46 -6.43
CA ARG D 66 3.55 -2.75 -6.38
C ARG D 66 3.65 -1.21 -6.12
N GLN D 67 4.85 -0.70 -5.81
CA GLN D 67 5.04 0.73 -5.50
C GLN D 67 6.49 1.23 -5.67
N VAL D 68 6.67 2.57 -5.65
CA VAL D 68 7.96 3.30 -5.65
C VAL D 68 7.93 4.18 -4.40
N ASP D 69 8.97 4.08 -3.55
CA ASP D 69 9.12 4.92 -2.33
C ASP D 69 10.07 6.07 -2.63
N VAL D 70 9.69 7.30 -2.24
CA VAL D 70 10.50 8.49 -2.47
C VAL D 70 10.93 9.04 -1.11
N LEU D 71 12.24 8.97 -0.86
CA LEU D 71 12.88 9.38 0.39
C LEU D 71 13.72 10.64 0.18
N GLY D 72 13.74 11.48 1.21
CA GLY D 72 14.53 12.71 1.19
C GLY D 72 15.97 12.44 1.54
N GLU D 73 16.18 11.53 2.51
CA GLU D 73 17.48 11.12 2.97
C GLU D 73 17.62 9.60 2.96
N TRP D 74 18.83 9.16 2.67
CA TRP D 74 19.25 7.76 2.73
C TRP D 74 20.74 7.71 2.97
N ALA D 75 21.14 6.95 3.99
CA ALA D 75 22.53 6.76 4.35
C ALA D 75 23.20 5.58 3.60
N GLY D 76 22.42 4.84 2.82
CA GLY D 76 22.92 3.72 2.01
C GLY D 76 23.43 4.11 0.65
N ASP D 77 23.91 3.12 -0.10
CA ASP D 77 24.45 3.29 -1.46
C ASP D 77 23.40 2.92 -2.50
N ALA D 78 23.10 3.84 -3.44
CA ALA D 78 22.15 3.70 -4.53
C ALA D 78 22.83 3.03 -5.73
N ASP D 79 22.07 2.20 -6.45
CA ASP D 79 22.50 1.46 -7.64
C ASP D 79 22.84 2.45 -8.77
N CYS D 80 22.08 3.56 -8.85
CA CYS D 80 22.29 4.59 -9.88
C CYS D 80 22.08 5.98 -9.30
N THR D 81 23.05 6.90 -9.48
CA THR D 81 22.92 8.28 -9.02
C THR D 81 22.88 9.21 -10.25
N VAL D 82 21.79 9.99 -10.42
CA VAL D 82 21.63 10.92 -11.54
C VAL D 82 21.69 12.36 -11.01
N ILE D 83 22.62 13.16 -11.57
CA ILE D 83 22.81 14.55 -11.14
C ILE D 83 22.34 15.50 -12.26
N ALA D 84 21.32 16.34 -11.94
CA ALA D 84 20.77 17.34 -12.87
C ALA D 84 19.97 18.41 -12.13
N TYR D 85 19.67 19.55 -12.77
CA TYR D 85 18.87 20.64 -12.22
C TYR D 85 17.41 20.24 -12.30
N ALA D 86 16.57 20.74 -11.37
CA ALA D 86 15.13 20.45 -11.31
C ALA D 86 14.37 20.48 -12.68
N SER D 87 14.71 21.47 -13.52
CA SER D 87 14.17 21.77 -14.87
C SER D 87 14.43 20.69 -15.91
N VAL D 88 15.53 19.91 -15.77
CA VAL D 88 15.90 18.87 -16.73
C VAL D 88 15.26 17.51 -16.35
N LEU D 89 14.92 17.31 -15.07
CA LEU D 89 14.27 16.08 -14.57
C LEU D 89 12.95 15.74 -15.29
N PRO D 90 12.03 16.66 -15.67
CA PRO D 90 10.84 16.24 -16.44
C PRO D 90 11.14 15.71 -17.87
N LYS D 91 12.39 15.90 -18.36
CA LYS D 91 12.88 15.44 -19.68
C LYS D 91 13.27 13.94 -19.65
N LEU D 92 13.32 13.34 -18.42
CA LEU D 92 13.58 11.93 -18.14
C LEU D 92 12.31 11.06 -18.39
N ARG D 93 11.57 11.36 -19.46
CA ARG D 93 10.35 10.70 -19.87
C ARG D 93 10.55 10.17 -21.28
N ASP D 94 11.50 10.72 -22.04
CA ASP D 94 11.74 10.25 -23.40
C ASP D 94 12.97 9.37 -23.41
N ARG D 95 12.77 8.09 -23.73
CA ARG D 95 13.85 7.11 -23.84
C ARG D 95 14.76 7.47 -25.05
N GLN D 96 14.17 8.06 -26.11
CA GLN D 96 14.83 8.52 -27.34
C GLN D 96 15.75 9.72 -27.12
N GLN D 97 15.64 10.39 -25.97
CA GLN D 97 16.36 11.61 -25.64
C GLN D 97 17.40 11.44 -24.53
N LEU D 98 17.19 10.52 -23.55
CA LEU D 98 18.11 10.26 -22.42
C LEU D 98 19.61 10.20 -22.86
N THR D 99 19.90 9.59 -24.03
CA THR D 99 21.23 9.49 -24.62
C THR D 99 21.81 10.90 -24.99
N ALA D 100 20.93 11.78 -25.51
CA ALA D 100 21.25 13.15 -25.87
C ALA D 100 21.48 13.98 -24.60
N LEU D 101 20.67 13.76 -23.55
CA LEU D 101 20.73 14.41 -22.22
C LEU D 101 22.11 14.24 -21.59
N ILE D 102 22.61 12.99 -21.62
CA ILE D 102 23.89 12.55 -21.08
C ILE D 102 25.06 13.13 -21.88
N ARG D 103 24.95 13.06 -23.22
CA ARG D 103 25.94 13.60 -24.17
C ARG D 103 26.12 15.10 -23.98
N SER D 104 25.00 15.86 -23.82
CA SER D 104 24.97 17.31 -23.61
C SER D 104 25.55 17.76 -22.27
N GLY D 105 25.70 16.83 -21.33
CA GLY D 105 26.22 17.10 -19.99
C GLY D 105 25.17 17.54 -19.00
N GLU D 106 23.91 17.78 -19.49
CA GLU D 106 22.75 18.22 -18.71
C GLU D 106 22.39 17.28 -17.55
N LEU D 107 22.61 15.97 -17.77
CA LEU D 107 22.37 14.90 -16.81
C LEU D 107 23.64 14.04 -16.66
N GLU D 108 24.10 13.86 -15.43
CA GLU D 108 25.26 13.04 -15.11
C GLU D 108 24.79 11.74 -14.50
N VAL D 109 25.29 10.61 -15.02
CA VAL D 109 24.95 9.27 -14.55
C VAL D 109 26.22 8.65 -13.93
N GLN D 110 26.04 8.07 -12.75
CA GLN D 110 27.00 7.33 -11.94
C GLN D 110 26.29 6.02 -11.62
N GLY D 111 27.05 4.97 -11.36
CA GLY D 111 26.48 3.66 -11.07
C GLY D 111 26.02 2.94 -12.31
N ASP D 112 24.90 2.22 -12.18
CA ASP D 112 24.30 1.42 -13.22
C ASP D 112 23.36 2.22 -14.12
N ILE D 113 23.84 2.57 -15.31
CA ILE D 113 23.09 3.30 -16.33
C ILE D 113 21.81 2.55 -16.74
N GLN D 114 21.78 1.22 -16.59
CA GLN D 114 20.57 0.44 -16.92
C GLN D 114 19.40 0.74 -15.98
N VAL D 115 19.64 1.31 -14.78
CA VAL D 115 18.57 1.67 -13.83
C VAL D 115 17.83 2.92 -14.37
N VAL D 116 18.57 3.95 -14.83
CA VAL D 116 18.00 5.20 -15.38
C VAL D 116 17.41 4.95 -16.77
N GLN D 117 17.93 3.99 -17.52
CA GLN D 117 17.40 3.60 -18.83
C GLN D 117 16.07 2.91 -18.66
N ASN D 118 15.91 2.05 -17.64
CA ASN D 118 14.67 1.32 -17.36
C ASN D 118 13.66 2.18 -16.64
N PHE D 119 14.12 3.26 -15.97
CA PHE D 119 13.20 4.18 -15.30
C PHE D 119 12.53 5.04 -16.37
N VAL D 120 13.35 5.61 -17.26
CA VAL D 120 12.97 6.43 -18.42
C VAL D 120 12.07 5.66 -19.41
N ALA D 121 12.28 4.35 -19.59
CA ALA D 121 11.49 3.50 -20.49
C ALA D 121 10.08 3.24 -19.91
N LEU D 122 9.98 3.04 -18.59
CA LEU D 122 8.75 2.90 -17.80
C LEU D 122 7.94 4.22 -17.87
N ALA D 123 8.62 5.37 -17.64
CA ALA D 123 8.12 6.73 -17.70
C ALA D 123 7.60 7.11 -19.09
N ASP D 124 8.27 6.62 -20.14
CA ASP D 124 7.95 6.84 -21.55
C ASP D 124 6.66 6.14 -21.93
N LEU D 125 6.40 4.96 -21.35
CA LEU D 125 5.20 4.15 -21.60
C LEU D 125 3.92 4.76 -21.02
N ALA D 126 4.05 5.42 -19.87
CA ALA D 126 2.98 6.09 -19.12
C ALA D 126 2.36 7.27 -19.90
N GLU D 127 1.05 7.49 -19.66
CA GLU D 127 0.26 8.58 -20.25
C GLU D 127 -0.11 9.61 -19.17
N PHE D 128 0.34 10.87 -19.36
CA PHE D 128 0.19 12.00 -18.44
C PHE D 128 -0.88 13.01 -18.87
OH2 1PE E . -1.23 -19.37 7.22
C12 1PE E . 0.15 -18.99 7.27
C22 1PE E . 0.67 -18.52 5.93
OH3 1PE E . 0.56 -19.56 4.97
C13 1PE E . -0.92 -20.55 3.14
C23 1PE E . -0.58 -19.46 4.13
OH4 1PE E . -2.33 -20.59 2.91
C14 1PE E . -4.37 -21.85 2.93
C24 1PE E . -2.88 -21.90 2.90
OH5 1PE E . -4.83 -21.23 4.13
C15 1PE E . -6.65 -20.39 5.48
C25 1PE E . -6.23 -20.97 4.14
OH6 1PE E . -6.40 -21.32 6.53
C16 1PE E . -4.18 -21.47 7.43
C26 1PE E . -5.56 -20.87 7.60
OH7 1PE E . -3.57 -21.78 8.68
HO2 1PE E . -1.46 -19.75 8.11
H121 1PE E . 0.77 -19.76 7.70
H122 1PE E . 0.16 -18.16 7.97
H221 1PE E . 0.13 -17.62 5.63
H222 1PE E . 1.71 -18.22 6.03
H131 1PE E . -0.41 -20.37 2.19
H132 1PE E . -0.53 -21.51 3.47
H231 1PE E . 0.25 -19.27 3.44
H232 1PE E . -0.85 -20.25 4.83
H141 1PE E . -4.77 -22.86 2.85
H142 1PE E . -4.74 -21.31 2.06
H241 1PE E . -2.54 -22.46 2.03
H242 1PE E . -2.54 -22.47 3.77
H151 1PE E . -6.12 -19.45 5.63
H152 1PE E . -7.70 -20.13 5.45
H251 1PE E . -6.49 -20.31 3.33
H252 1PE E . -6.79 -21.89 3.97
H161 1PE E . -3.51 -20.75 6.97
H162 1PE E . -4.19 -22.33 6.77
H261 1PE E . -5.98 -21.19 8.55
H262 1PE E . -5.50 -19.79 7.66
HO7 1PE E . -3.88 -22.68 8.95
CA CA F . -18.90 -21.18 -9.77
CA CA G . -17.06 2.50 3.89
CA CA H . -12.17 -9.63 17.88
CA CA I . -17.34 -12.15 18.02
CA CA J . -17.53 -24.49 13.82
CA CA K . -16.71 1.90 15.86
CA CA L . -24.68 -20.79 -8.82
CA CA M . 2.70 -9.77 -3.94
CA CA N . 19.29 -4.59 -5.66
CA CA O . 15.41 -27.27 -3.59
CA CA P . 12.60 -10.73 20.19
CA CA Q . 17.27 -11.89 21.72
CA CA R . 11.62 -22.03 -7.48
OH2 1PE S . -4.82 30.41 3.20
C12 1PE S . -5.36 30.37 1.89
C22 1PE S . -4.31 30.05 0.87
OH3 1PE S . -4.87 30.16 -0.43
C13 1PE S . -6.41 29.04 -1.86
C23 1PE S . -5.11 28.94 -1.12
OH4 1PE S . -6.57 27.95 -2.77
C14 1PE S . -7.50 28.43 -4.92
C24 1PE S . -7.77 28.03 -3.52
OH5 1PE S . -8.67 29.02 -5.47
C15 1PE S . -8.07 30.06 -7.53
C25 1PE S . -8.80 28.92 -6.90
OH6 1PE S . -8.01 29.89 -8.94
C16 1PE S . -6.35 31.59 -9.38
C26 1PE S . -7.75 31.09 -9.68
OH7 1PE S . -6.33 32.49 -8.28
HO2 1PE S . -5.48 30.85 3.78
H121 1PE S . -6.21 29.71 1.81
H122 1PE S . -5.75 31.38 1.74
H221 1PE S . -3.47 30.73 0.99
H222 1PE S . -3.89 29.06 1.06
H131 1PE S . -7.22 29.08 -1.13
H132 1PE S . -6.46 29.99 -2.40
H231 1PE S . -5.15 28.08 -0.45
H232 1PE S . -4.30 28.74 -1.81
H141 1PE S . -6.68 29.13 -4.95
H142 1PE S . -7.19 27.55 -5.49
H241 1PE S . -8.29 27.06 -3.49
H242 1PE S . -8.47 28.74 -3.07
H151 1PE S . -8.57 30.99 -7.27
H152 1PE S . -7.06 30.14 -7.10
H251 1PE S . -8.43 27.97 -7.27
H252 1PE S . -9.84 28.98 -7.19
H161 1PE S . -5.71 30.76 -9.08
H162 1PE S . -5.89 32.03 -10.27
H261 1PE S . -7.84 30.89 -10.75
H262 1PE S . -8.48 31.87 -9.47
HO7 1PE S . -5.51 32.31 -7.76
CA CA T . -12.99 29.52 -6.17
CA CA U . 8.97 7.51 -26.67
CA CA V . 5.69 8.09 -24.76
#